data_2JRQ
#
_entry.id   2JRQ
#
_entity_poly.entity_id   1
_entity_poly.type   'polyribonucleotide'
_entity_poly.pdbx_seq_one_letter_code
;CCUCCCU(CM0)ACAAGGAGG
;
_entity_poly.pdbx_strand_id   A
#